data_3BL7
#
_entry.id   3BL7
#
_cell.length_a   49.257
_cell.length_b   56.271
_cell.length_c   60.334
_cell.angle_alpha   118.81
_cell.angle_beta   92.39
_cell.angle_gamma   99.99
#
_symmetry.space_group_name_H-M   'P 1'
#
loop_
_entity.id
_entity.type
_entity.pdbx_description
1 polymer 'Scavenger mRNA-decapping enzyme DcpS'
2 non-polymer 5-{[1-(2-fluorobenzyl)piperidin-4-yl]methoxy}quinazoline-2,4-diamine
3 water water
#
_entity_poly.entity_id   1
_entity_poly.type   'polypeptide(L)'
_entity_poly.pdbx_seq_one_letter_code
;SAPVRLPFSGFRLQKVLRESARDKIIFLHGKVNEASGDGDGEDAVVILEKTPFQVEQVAQLLTGSPELQLQFSNDIYSTY
HLFPPRQLNDVKTTVVYPATEKHLQKYLRQDLRLIRETGDDYRNITLPHLESQSLSIQWVYNILDKKAEADRIVFENPDP
SDGFVLIPDLKWNQQQLDDLYLIAICHRRGIRSLRDLTPEHLPLLRNILHQGQEAILQRYRMKGDHLRVYLHYLPSYYHL
HVHFTALGFEAPGSGVERAHLLAEVIENLECDPRHYQQRTLTFALRADDPLLKLLQEAQQS
;
_entity_poly.pdbx_strand_id   A,B
#
loop_
_chem_comp.id
_chem_comp.type
_chem_comp.name
_chem_comp.formula
DD1 non-polymer 5-{[1-(2-fluorobenzyl)piperidin-4-yl]methoxy}quinazoline-2,4-diamine 'C21 H24 F N5 O'
#
# COMPACT_ATOMS: atom_id res chain seq x y z
N LEU A 6 12.60 -21.95 -19.33
CA LEU A 6 12.11 -20.70 -19.97
C LEU A 6 11.41 -21.02 -21.29
N PRO A 7 10.44 -20.17 -21.69
CA PRO A 7 9.73 -20.36 -22.96
C PRO A 7 10.53 -19.85 -24.18
N PHE A 8 11.74 -19.35 -23.93
CA PHE A 8 12.68 -18.93 -24.98
C PHE A 8 14.10 -19.36 -24.59
N SER A 9 15.08 -18.99 -25.40
CA SER A 9 16.49 -19.21 -25.07
C SER A 9 17.36 -17.99 -25.37
N GLY A 10 18.31 -17.71 -24.47
CA GLY A 10 19.37 -16.77 -24.73
C GLY A 10 18.94 -15.33 -24.56
N PHE A 11 18.60 -14.98 -23.32
CA PHE A 11 18.21 -13.62 -22.98
C PHE A 11 19.37 -12.69 -23.25
N ARG A 12 19.13 -11.62 -24.03
CA ARG A 12 20.11 -10.57 -24.27
C ARG A 12 19.57 -9.21 -23.78
N LEU A 13 20.16 -8.67 -22.71
CA LEU A 13 19.71 -7.41 -22.13
C LEU A 13 19.61 -6.29 -23.15
N GLN A 14 18.53 -5.52 -23.08
CA GLN A 14 18.32 -4.34 -23.90
C GLN A 14 18.24 -3.07 -23.07
N LYS A 15 17.60 -3.17 -21.90
CA LYS A 15 17.30 -2.00 -21.08
C LYS A 15 16.77 -2.41 -19.72
N VAL A 16 17.38 -1.90 -18.65
CA VAL A 16 16.77 -1.98 -17.33
C VAL A 16 15.61 -1.00 -17.34
N LEU A 17 14.39 -1.51 -17.40
CA LEU A 17 13.21 -0.64 -17.50
C LEU A 17 12.99 0.07 -16.17
N ARG A 18 13.12 -0.67 -15.09
CA ARG A 18 12.93 -0.12 -13.75
C ARG A 18 13.79 -0.91 -12.73
N GLU A 19 14.14 -0.24 -11.64
CA GLU A 19 14.99 -0.81 -10.62
C GLU A 19 14.62 -0.15 -9.31
N SER A 20 14.31 -0.94 -8.27
CA SER A 20 14.02 -0.39 -6.93
C SER A 20 14.78 -1.13 -5.82
N ALA A 21 15.71 -0.42 -5.19
CA ALA A 21 16.43 -0.96 -4.03
C ALA A 21 15.53 -1.09 -2.81
N ARG A 22 14.52 -0.23 -2.71
CA ARG A 22 13.54 -0.31 -1.61
C ARG A 22 12.68 -1.56 -1.67
N ASP A 23 12.18 -1.88 -2.87
CA ASP A 23 11.35 -3.06 -3.07
C ASP A 23 12.15 -4.29 -3.51
N LYS A 24 13.46 -4.15 -3.73
CA LYS A 24 14.32 -5.27 -4.19
C LYS A 24 13.63 -5.97 -5.37
N ILE A 25 13.41 -5.19 -6.42
CA ILE A 25 12.72 -5.64 -7.59
C ILE A 25 13.35 -5.02 -8.82
N ILE A 26 13.45 -5.78 -9.90
CA ILE A 26 14.01 -5.29 -11.15
C ILE A 26 13.17 -5.75 -12.33
N PHE A 27 13.04 -4.86 -13.33
CA PHE A 27 12.28 -5.07 -14.56
C PHE A 27 13.24 -4.95 -15.74
N LEU A 28 13.41 -6.04 -16.48
CA LEU A 28 14.38 -6.06 -17.57
C LEU A 28 13.66 -6.28 -18.90
N HIS A 29 14.10 -5.56 -19.92
CA HIS A 29 13.72 -5.85 -21.30
C HIS A 29 14.89 -6.60 -21.91
N GLY A 30 14.62 -7.78 -22.45
CA GLY A 30 15.63 -8.55 -23.17
C GLY A 30 15.16 -9.04 -24.51
N LYS A 31 16.12 -9.29 -25.40
CA LYS A 31 15.85 -9.92 -26.69
C LYS A 31 16.09 -11.41 -26.52
N VAL A 32 15.23 -12.20 -27.16
CA VAL A 32 15.28 -13.64 -27.10
C VAL A 32 15.13 -14.20 -28.52
N ASN A 33 15.41 -15.50 -28.70
CA ASN A 33 15.10 -16.19 -29.95
C ASN A 33 15.55 -15.39 -31.19
N GLU A 34 16.83 -15.04 -31.24
CA GLU A 34 17.37 -14.19 -32.31
C GLU A 34 18.55 -14.87 -33.01
N GLU A 42 12.39 -10.91 -31.28
CA GLU A 42 11.38 -11.12 -30.23
C GLU A 42 11.75 -10.47 -28.90
N ASP A 43 10.78 -9.75 -28.33
CA ASP A 43 10.96 -9.06 -27.06
C ASP A 43 10.29 -9.84 -25.93
N ALA A 44 10.91 -9.74 -24.76
CA ALA A 44 10.44 -10.34 -23.53
C ALA A 44 10.73 -9.38 -22.39
N VAL A 45 9.88 -9.38 -21.38
CA VAL A 45 10.16 -8.70 -20.12
C VAL A 45 10.28 -9.71 -19.01
N VAL A 46 11.38 -9.64 -18.27
CA VAL A 46 11.57 -10.47 -17.11
C VAL A 46 11.59 -9.59 -15.87
N ILE A 47 10.74 -9.92 -14.91
CA ILE A 47 10.68 -9.25 -13.63
C ILE A 47 11.27 -10.20 -12.57
N LEU A 48 12.22 -9.70 -11.77
CA LEU A 48 12.78 -10.47 -10.65
C LEU A 48 12.61 -9.69 -9.34
N GLU A 49 12.14 -10.39 -8.31
CA GLU A 49 11.82 -9.76 -7.05
C GLU A 49 12.24 -10.68 -5.93
N LYS A 50 13.01 -10.17 -4.99
CA LYS A 50 13.37 -10.97 -3.82
C LYS A 50 12.09 -11.23 -3.06
N THR A 51 12.00 -12.37 -2.41
CA THR A 51 10.76 -12.80 -1.77
C THR A 51 10.72 -12.47 -0.26
N PRO A 52 9.51 -12.48 0.34
CA PRO A 52 9.42 -12.30 1.80
C PRO A 52 10.12 -13.42 2.58
N PHE A 53 10.54 -13.08 3.80
CA PHE A 53 11.20 -14.02 4.67
C PHE A 53 10.20 -15.02 5.23
N GLN A 54 10.70 -16.23 5.48
CA GLN A 54 9.94 -17.22 6.24
C GLN A 54 10.54 -17.26 7.62
N VAL A 55 9.74 -16.84 8.59
CA VAL A 55 10.23 -16.49 9.92
C VAL A 55 10.76 -17.71 10.67
N GLU A 56 10.04 -18.83 10.59
CA GLU A 56 10.41 -20.05 11.32
C GLU A 56 11.67 -20.72 10.75
N GLN A 57 11.83 -20.69 9.44
CA GLN A 57 13.03 -21.25 8.80
C GLN A 57 14.27 -20.39 9.06
N VAL A 58 14.12 -19.07 9.01
CA VAL A 58 15.21 -18.14 9.35
C VAL A 58 15.62 -18.29 10.82
N ALA A 59 14.65 -18.36 11.73
CA ALA A 59 14.94 -18.60 13.14
C ALA A 59 15.72 -19.91 13.31
N GLN A 60 15.23 -20.97 12.68
CA GLN A 60 15.88 -22.29 12.72
C GLN A 60 17.32 -22.23 12.20
N LEU A 61 17.53 -21.43 11.15
CA LEU A 61 18.86 -21.19 10.60
C LEU A 61 19.78 -20.46 11.60
N LEU A 62 19.26 -19.42 12.24
CA LEU A 62 20.04 -18.61 13.19
C LEU A 62 20.50 -19.39 14.43
N THR A 63 19.75 -20.43 14.80
CA THR A 63 20.13 -21.32 15.90
C THR A 63 21.04 -22.48 15.48
N GLY A 64 21.50 -22.50 14.23
CA GLY A 64 22.40 -23.54 13.73
C GLY A 64 23.76 -22.98 13.35
N SER A 65 24.28 -23.43 12.21
CA SER A 65 25.51 -22.87 11.65
C SER A 65 25.22 -22.08 10.37
N PRO A 66 24.68 -20.85 10.49
CA PRO A 66 24.49 -20.02 9.29
C PRO A 66 25.82 -19.52 8.73
N GLU A 67 25.91 -19.43 7.41
CA GLU A 67 27.10 -18.90 6.76
C GLU A 67 27.13 -17.37 6.87
N LEU A 68 27.87 -16.89 7.88
CA LEU A 68 27.97 -15.46 8.17
C LEU A 68 29.33 -14.89 7.79
N GLN A 69 29.36 -13.57 7.66
CA GLN A 69 30.56 -12.85 7.25
C GLN A 69 30.48 -11.42 7.78
N LEU A 70 31.16 -11.18 8.89
CA LEU A 70 31.11 -9.89 9.60
C LEU A 70 31.50 -8.73 8.70
N GLN A 71 30.59 -7.76 8.55
CA GLN A 71 30.90 -6.52 7.85
C GLN A 71 31.53 -5.53 8.82
N PHE A 72 30.87 -5.33 9.95
CA PHE A 72 31.46 -4.55 11.04
C PHE A 72 30.85 -4.89 12.39
N SER A 73 31.48 -4.40 13.45
CA SER A 73 31.02 -4.61 14.80
C SER A 73 31.30 -3.35 15.63
N ASN A 74 30.32 -2.93 16.42
CA ASN A 74 30.44 -1.75 17.28
C ASN A 74 29.75 -2.02 18.60
N ASP A 75 30.43 -2.82 19.42
CA ASP A 75 29.90 -3.30 20.69
C ASP A 75 28.59 -4.12 20.51
N ILE A 76 27.44 -3.62 20.97
CA ILE A 76 26.20 -4.40 20.92
C ILE A 76 25.64 -4.62 19.51
N TYR A 77 26.05 -3.75 18.57
CA TYR A 77 25.65 -3.87 17.18
C TYR A 77 26.69 -4.64 16.38
N SER A 78 26.24 -5.42 15.41
CA SER A 78 27.14 -6.02 14.42
C SER A 78 26.35 -6.32 13.15
N THR A 79 26.94 -5.99 12.01
CA THR A 79 26.33 -6.21 10.70
C THR A 79 27.07 -7.33 9.96
N TYR A 80 26.33 -8.30 9.44
CA TYR A 80 26.89 -9.44 8.72
C TYR A 80 26.34 -9.49 7.29
N HIS A 81 27.01 -10.27 6.44
CA HIS A 81 26.41 -10.80 5.23
C HIS A 81 25.97 -12.22 5.54
N LEU A 82 24.76 -12.59 5.15
CA LEU A 82 24.24 -13.94 5.35
C LEU A 82 23.94 -14.56 3.99
N PHE A 83 24.40 -15.79 3.81
CA PHE A 83 24.13 -16.59 2.63
C PHE A 83 23.36 -17.82 3.08
N PRO A 84 22.02 -17.76 3.05
CA PRO A 84 21.20 -18.89 3.48
C PRO A 84 21.37 -20.13 2.60
N PRO A 85 20.79 -21.26 3.04
CA PRO A 85 20.66 -22.41 2.16
C PRO A 85 19.66 -22.19 1.01
N ARG A 86 19.82 -22.96 -0.07
CA ARG A 86 19.04 -22.82 -1.31
C ARG A 86 17.54 -22.51 -1.13
N GLN A 87 16.89 -23.22 -0.21
CA GLN A 87 15.42 -23.09 0.02
C GLN A 87 14.97 -21.69 0.43
N LEU A 88 15.88 -20.94 1.04
CA LEU A 88 15.58 -19.60 1.56
C LEU A 88 15.91 -18.48 0.56
N ASN A 89 16.44 -18.88 -0.60
CA ASN A 89 17.00 -17.97 -1.62
C ASN A 89 16.06 -17.66 -2.80
N ASP A 90 14.83 -18.17 -2.72
CA ASP A 90 13.82 -18.01 -3.76
C ASP A 90 13.62 -16.55 -4.21
N VAL A 91 13.68 -16.36 -5.53
CA VAL A 91 13.49 -15.08 -6.17
C VAL A 91 12.27 -15.22 -7.06
N LYS A 92 11.30 -14.32 -6.88
CA LYS A 92 10.04 -14.31 -7.61
C LYS A 92 10.32 -13.79 -9.02
N THR A 93 10.12 -14.66 -10.03
CA THR A 93 10.49 -14.38 -11.42
C THR A 93 9.27 -14.40 -12.37
N THR A 94 9.00 -13.27 -13.02
CA THR A 94 7.83 -13.16 -13.91
C THR A 94 8.25 -12.83 -15.34
N VAL A 95 7.77 -13.62 -16.29
CA VAL A 95 8.13 -13.44 -17.69
C VAL A 95 6.92 -13.05 -18.52
N VAL A 96 7.08 -12.03 -19.36
CA VAL A 96 6.03 -11.61 -20.27
C VAL A 96 6.60 -11.74 -21.69
N TYR A 97 6.12 -12.73 -22.43
CA TYR A 97 6.66 -13.08 -23.75
C TYR A 97 5.59 -13.75 -24.64
N PRO A 98 5.41 -13.24 -25.89
CA PRO A 98 6.04 -12.04 -26.46
C PRO A 98 5.54 -10.74 -25.83
N ALA A 99 6.46 -9.81 -25.57
CA ALA A 99 6.13 -8.48 -25.04
C ALA A 99 5.88 -7.52 -26.19
N THR A 100 4.93 -6.61 -26.00
CA THR A 100 4.61 -5.55 -26.98
C THR A 100 5.27 -4.27 -26.52
N GLU A 101 5.16 -3.23 -27.33
CA GLU A 101 5.67 -1.90 -26.97
C GLU A 101 4.89 -1.31 -25.77
N LYS A 102 3.62 -1.69 -25.64
CA LYS A 102 2.84 -1.35 -24.44
C LYS A 102 3.59 -1.77 -23.16
N HIS A 103 4.03 -3.03 -23.15
CA HIS A 103 4.71 -3.61 -22.00
C HIS A 103 6.05 -2.94 -21.70
N LEU A 104 6.74 -2.48 -22.73
CA LEU A 104 8.04 -1.85 -22.54
C LEU A 104 7.89 -0.44 -21.95
N GLN A 105 6.82 0.27 -22.34
CA GLN A 105 6.50 1.58 -21.74
C GLN A 105 5.88 1.45 -20.35
N LYS A 106 4.93 0.53 -20.22
CA LYS A 106 4.22 0.22 -18.96
C LYS A 106 5.15 0.05 -17.75
N TYR A 107 6.16 -0.81 -17.89
CA TYR A 107 7.08 -1.16 -16.79
C TYR A 107 8.31 -0.23 -16.67
N LEU A 108 8.28 0.88 -17.40
CA LEU A 108 9.38 1.84 -17.40
C LEU A 108 9.25 2.77 -16.20
N ARG A 109 10.37 3.29 -15.73
CA ARG A 109 10.34 4.24 -14.63
C ARG A 109 9.79 5.55 -15.16
N GLN A 110 8.66 5.98 -14.62
CA GLN A 110 8.17 7.31 -14.92
C GLN A 110 7.68 8.00 -13.65
N ASP A 111 7.60 9.33 -13.74
CA ASP A 111 7.20 10.17 -12.62
C ASP A 111 5.69 10.40 -12.72
N LEU A 112 4.99 10.20 -11.60
CA LEU A 112 3.53 10.32 -11.53
C LEU A 112 3.10 11.72 -11.14
N ARG A 113 1.92 12.09 -11.66
CA ARG A 113 1.27 13.36 -11.39
C ARG A 113 -0.14 13.04 -10.89
N LEU A 114 -0.63 13.85 -9.96
CA LEU A 114 -1.96 13.66 -9.40
C LEU A 114 -2.96 14.45 -10.23
N ILE A 115 -4.17 13.90 -10.40
CA ILE A 115 -5.21 14.53 -11.22
C ILE A 115 -6.59 14.27 -10.61
N ARG A 116 -7.46 15.28 -10.67
CA ARG A 116 -8.80 15.17 -10.11
C ARG A 116 -9.84 15.19 -11.23
N GLU A 117 -10.39 14.01 -11.50
CA GLU A 117 -11.25 13.77 -12.64
C GLU A 117 -12.71 13.87 -12.21
N THR A 118 -13.41 14.88 -12.72
CA THR A 118 -14.83 15.05 -12.41
C THR A 118 -15.68 14.07 -13.23
N GLY A 119 -16.98 13.99 -12.90
CA GLY A 119 -17.89 13.07 -13.57
C GLY A 119 -18.12 13.38 -15.05
N ASP A 120 -18.04 14.67 -15.38
CA ASP A 120 -18.12 15.14 -16.77
C ASP A 120 -16.85 14.79 -17.52
N ASP A 121 -15.71 15.21 -16.95
CA ASP A 121 -14.38 14.79 -17.43
C ASP A 121 -14.36 13.33 -17.87
N TYR A 122 -14.89 12.44 -17.04
CA TYR A 122 -14.81 11.01 -17.33
C TYR A 122 -15.48 10.62 -18.63
N ARG A 123 -16.76 10.92 -18.75
CA ARG A 123 -17.55 10.53 -19.93
C ARG A 123 -17.18 11.29 -21.21
N ASN A 124 -16.75 12.54 -21.05
CA ASN A 124 -16.40 13.41 -22.18
C ASN A 124 -14.93 13.27 -22.62
N ILE A 125 -14.04 12.94 -21.70
CA ILE A 125 -12.60 12.92 -21.96
C ILE A 125 -11.95 11.55 -21.75
N THR A 126 -12.09 10.99 -20.55
CA THR A 126 -11.39 9.76 -20.16
C THR A 126 -11.96 8.55 -20.88
N LEU A 127 -13.28 8.39 -20.82
CA LEU A 127 -13.95 7.24 -21.45
C LEU A 127 -13.69 7.14 -22.95
N PRO A 128 -13.92 8.23 -23.72
CA PRO A 128 -13.56 8.25 -25.15
C PRO A 128 -12.09 7.94 -25.46
N HIS A 129 -11.19 8.32 -24.55
CA HIS A 129 -9.77 7.93 -24.64
C HIS A 129 -9.61 6.41 -24.47
N LEU A 130 -10.26 5.85 -23.45
CA LEU A 130 -10.20 4.41 -23.19
C LEU A 130 -10.84 3.61 -24.33
N GLU A 131 -12.01 4.06 -24.78
CA GLU A 131 -12.72 3.42 -25.90
C GLU A 131 -11.93 3.43 -27.22
N SER A 132 -11.02 4.39 -27.36
CA SER A 132 -10.12 4.47 -28.53
C SER A 132 -8.92 3.53 -28.44
N GLN A 133 -8.81 2.80 -27.33
CA GLN A 133 -7.70 1.87 -27.10
C GLN A 133 -8.13 0.42 -27.27
N SER A 134 -7.23 -0.40 -27.82
CA SER A 134 -7.47 -1.82 -28.01
C SER A 134 -6.62 -2.61 -27.00
N LEU A 135 -7.28 -2.97 -25.90
CA LEU A 135 -6.63 -3.54 -24.74
C LEU A 135 -6.80 -5.06 -24.79
N SER A 136 -5.79 -5.77 -24.29
CA SER A 136 -5.81 -7.23 -24.19
C SER A 136 -6.02 -7.67 -22.75
N ILE A 137 -7.07 -8.46 -22.51
CA ILE A 137 -7.33 -9.06 -21.21
C ILE A 137 -7.62 -10.57 -21.37
N GLN A 138 -7.01 -11.20 -22.36
CA GLN A 138 -7.18 -12.63 -22.59
C GLN A 138 -6.85 -13.46 -21.36
N TRP A 139 -5.87 -13.02 -20.58
CA TRP A 139 -5.56 -13.72 -19.34
C TRP A 139 -6.75 -13.74 -18.39
N VAL A 140 -7.54 -12.68 -18.42
CA VAL A 140 -8.71 -12.55 -17.54
C VAL A 140 -9.80 -13.50 -17.99
N TYR A 141 -10.06 -13.53 -19.30
CA TYR A 141 -11.04 -14.47 -19.86
C TYR A 141 -10.58 -15.91 -19.80
N ASN A 142 -9.28 -16.16 -19.86
CA ASN A 142 -8.74 -17.50 -19.62
C ASN A 142 -9.11 -18.02 -18.23
N ILE A 143 -9.02 -17.17 -17.21
CA ILE A 143 -9.39 -17.55 -15.85
C ILE A 143 -10.89 -17.80 -15.75
N LEU A 144 -11.69 -16.86 -16.26
CA LEU A 144 -13.14 -16.96 -16.20
C LEU A 144 -13.70 -18.15 -16.98
N ASP A 145 -13.08 -18.44 -18.13
CA ASP A 145 -13.56 -19.49 -19.04
C ASP A 145 -12.88 -20.81 -18.74
N LYS A 146 -12.11 -20.86 -17.66
CA LYS A 146 -11.40 -22.06 -17.19
C LYS A 146 -10.39 -22.60 -18.18
N LYS A 147 -9.80 -21.71 -18.98
CA LYS A 147 -8.77 -22.09 -19.94
C LYS A 147 -7.37 -22.08 -19.33
N ALA A 148 -7.20 -21.32 -18.24
CA ALA A 148 -5.92 -21.26 -17.50
C ALA A 148 -6.23 -21.07 -16.03
N GLU A 149 -5.34 -21.59 -15.17
CA GLU A 149 -5.41 -21.42 -13.72
C GLU A 149 -6.69 -21.97 -13.11
N ALA A 150 -7.25 -23.00 -13.71
CA ALA A 150 -8.55 -23.55 -13.30
C ALA A 150 -8.49 -24.08 -11.87
N ASP A 151 -7.45 -24.85 -11.55
CA ASP A 151 -7.32 -25.45 -10.22
C ASP A 151 -6.61 -24.55 -9.18
N ARG A 152 -6.38 -23.28 -9.51
CA ARG A 152 -5.92 -22.32 -8.52
C ARG A 152 -7.06 -21.58 -7.86
N ILE A 153 -8.27 -21.74 -8.41
CA ILE A 153 -9.44 -21.00 -7.94
C ILE A 153 -9.73 -21.38 -6.49
N VAL A 154 -9.87 -20.36 -5.64
CA VAL A 154 -10.11 -20.55 -4.22
C VAL A 154 -11.61 -20.56 -3.94
N PHE A 155 -12.35 -19.82 -4.77
CA PHE A 155 -13.81 -19.79 -4.72
C PHE A 155 -14.37 -19.24 -6.04
N GLU A 156 -15.53 -19.75 -6.45
CA GLU A 156 -16.27 -19.22 -7.59
C GLU A 156 -17.80 -19.18 -7.35
N ASN A 157 -18.42 -18.05 -7.68
CA ASN A 157 -19.85 -17.92 -7.82
C ASN A 157 -20.12 -17.88 -9.34
N PRO A 158 -20.74 -18.94 -9.89
CA PRO A 158 -20.81 -19.11 -11.36
C PRO A 158 -21.89 -18.30 -12.07
N ASP A 159 -22.67 -17.52 -11.33
CA ASP A 159 -23.71 -16.70 -11.92
C ASP A 159 -23.10 -15.66 -12.87
N PRO A 160 -23.53 -15.64 -14.16
CA PRO A 160 -22.98 -14.72 -15.16
C PRO A 160 -23.13 -13.24 -14.83
N SER A 161 -24.21 -12.87 -14.15
CA SER A 161 -24.47 -11.48 -13.78
C SER A 161 -23.80 -11.06 -12.46
N ASP A 162 -24.05 -11.83 -11.40
CA ASP A 162 -23.60 -11.46 -10.03
C ASP A 162 -22.48 -12.37 -9.47
N GLY A 163 -21.87 -13.19 -10.32
CA GLY A 163 -20.89 -14.16 -9.86
C GLY A 163 -19.48 -13.72 -10.18
N PHE A 164 -18.50 -14.46 -9.65
CA PHE A 164 -17.10 -14.07 -9.79
C PHE A 164 -16.18 -15.25 -9.48
N VAL A 165 -14.91 -15.08 -9.82
CA VAL A 165 -13.83 -16.01 -9.49
C VAL A 165 -12.83 -15.34 -8.53
N LEU A 166 -12.64 -15.93 -7.36
CA LEU A 166 -11.62 -15.50 -6.42
C LEU A 166 -10.38 -16.35 -6.66
N ILE A 167 -9.24 -15.71 -6.88
CA ILE A 167 -8.02 -16.43 -7.25
C ILE A 167 -6.77 -15.66 -6.79
N PRO A 168 -5.69 -16.38 -6.39
CA PRO A 168 -4.47 -15.65 -6.03
C PRO A 168 -3.96 -14.77 -7.17
N ASP A 169 -3.55 -13.55 -6.83
CA ASP A 169 -2.97 -12.66 -7.80
C ASP A 169 -1.56 -13.14 -8.13
N LEU A 170 -1.08 -12.78 -9.33
CA LEU A 170 0.27 -13.13 -9.84
C LEU A 170 1.43 -12.66 -8.94
N LYS A 171 1.28 -11.47 -8.35
CA LYS A 171 2.23 -10.93 -7.35
C LYS A 171 2.54 -11.91 -6.20
N TRP A 172 1.54 -12.67 -5.77
CA TRP A 172 1.69 -13.50 -4.57
C TRP A 172 2.28 -14.87 -4.88
N ASN A 173 3.45 -15.18 -4.30
CA ASN A 173 4.04 -16.51 -4.46
C ASN A 173 3.35 -17.61 -3.64
N GLN A 174 2.49 -17.21 -2.70
CA GLN A 174 1.63 -18.09 -1.89
C GLN A 174 2.33 -18.84 -0.76
N GLN A 175 3.58 -18.47 -0.47
CA GLN A 175 4.46 -19.24 0.40
C GLN A 175 4.35 -18.78 1.85
N GLN A 176 3.68 -17.65 2.06
CA GLN A 176 3.47 -17.08 3.39
C GLN A 176 2.27 -16.14 3.35
N LEU A 177 1.62 -16.00 4.51
CA LEU A 177 0.37 -15.23 4.63
C LEU A 177 0.56 -13.73 4.82
N ASP A 178 1.80 -13.34 5.14
CA ASP A 178 2.16 -11.94 5.38
C ASP A 178 1.82 -11.02 4.20
N ASP A 179 1.94 -11.55 2.97
CA ASP A 179 1.67 -10.78 1.75
C ASP A 179 0.50 -11.35 0.96
N LEU A 180 -0.43 -11.97 1.68
CA LEU A 180 -1.61 -12.59 1.09
C LEU A 180 -2.29 -11.61 0.16
N TYR A 181 -2.58 -12.10 -1.05
CA TYR A 181 -3.08 -11.25 -2.10
C TYR A 181 -3.86 -12.10 -3.09
N LEU A 182 -5.19 -11.96 -3.02
CA LEU A 182 -6.09 -12.55 -3.99
C LEU A 182 -6.89 -11.46 -4.75
N ILE A 183 -7.27 -11.79 -5.97
CA ILE A 183 -8.19 -10.96 -6.75
C ILE A 183 -9.53 -11.70 -6.95
N ALA A 184 -10.61 -10.93 -6.93
CA ALA A 184 -11.93 -11.37 -7.33
C ALA A 184 -12.23 -10.77 -8.70
N ILE A 185 -12.40 -11.61 -9.71
CA ILE A 185 -12.71 -11.17 -11.06
C ILE A 185 -14.15 -11.57 -11.38
N CYS A 186 -14.99 -10.58 -11.72
CA CYS A 186 -16.39 -10.84 -11.99
C CYS A 186 -16.58 -11.54 -13.35
N HIS A 187 -17.62 -12.37 -13.41
CA HIS A 187 -17.95 -13.12 -14.61
C HIS A 187 -18.57 -12.21 -15.68
N ARG A 188 -19.35 -11.24 -15.24
CA ARG A 188 -19.96 -10.29 -16.14
C ARG A 188 -18.91 -9.48 -16.90
N ARG A 189 -19.16 -9.29 -18.20
CA ARG A 189 -18.24 -8.56 -19.06
C ARG A 189 -18.71 -7.13 -19.32
N GLY A 190 -17.75 -6.26 -19.60
CA GLY A 190 -18.00 -4.86 -19.95
C GLY A 190 -17.96 -3.84 -18.81
N ILE A 191 -17.71 -4.30 -17.59
CA ILE A 191 -17.52 -3.39 -16.45
C ILE A 191 -16.03 -3.10 -16.34
N ARG A 192 -15.65 -1.89 -16.70
CA ARG A 192 -14.23 -1.53 -16.93
C ARG A 192 -13.51 -1.05 -15.67
N SER A 193 -14.24 -0.39 -14.79
CA SER A 193 -13.67 0.21 -13.61
C SER A 193 -14.76 0.65 -12.64
N LEU A 194 -14.31 1.29 -11.57
CA LEU A 194 -15.17 1.91 -10.55
C LEU A 194 -16.19 2.86 -11.17
N ARG A 195 -15.83 3.53 -12.26
CA ARG A 195 -16.71 4.50 -12.93
C ARG A 195 -18.02 3.91 -13.47
N ASP A 196 -18.00 2.64 -13.86
CA ASP A 196 -19.20 2.00 -14.41
C ASP A 196 -20.19 1.49 -13.38
N LEU A 197 -19.88 1.63 -12.08
CA LEU A 197 -20.73 1.01 -11.06
C LEU A 197 -21.95 1.85 -10.73
N THR A 198 -23.11 1.17 -10.69
CA THR A 198 -24.39 1.73 -10.27
C THR A 198 -25.02 0.72 -9.29
N PRO A 199 -26.17 1.05 -8.66
CA PRO A 199 -26.95 0.09 -7.86
C PRO A 199 -27.25 -1.25 -8.53
N GLU A 200 -27.24 -1.30 -9.86
CA GLU A 200 -27.31 -2.56 -10.61
C GLU A 200 -26.29 -3.59 -10.14
N HIS A 201 -25.12 -3.12 -9.70
CA HIS A 201 -24.01 -3.99 -9.35
C HIS A 201 -23.89 -4.27 -7.86
N LEU A 202 -24.79 -3.72 -7.05
CA LEU A 202 -24.74 -3.93 -5.61
C LEU A 202 -24.72 -5.42 -5.21
N PRO A 203 -25.60 -6.25 -5.80
CA PRO A 203 -25.57 -7.70 -5.47
C PRO A 203 -24.28 -8.44 -5.85
N LEU A 204 -23.64 -8.03 -6.93
CA LEU A 204 -22.31 -8.54 -7.33
C LEU A 204 -21.22 -8.09 -6.36
N LEU A 205 -21.24 -6.79 -6.00
CA LEU A 205 -20.21 -6.21 -5.16
C LEU A 205 -20.28 -6.81 -3.76
N ARG A 206 -21.52 -6.98 -3.28
CA ARG A 206 -21.81 -7.67 -2.00
C ARG A 206 -21.40 -9.14 -2.01
N ASN A 207 -21.64 -9.83 -3.12
CA ASN A 207 -21.17 -11.21 -3.26
C ASN A 207 -19.64 -11.30 -3.11
N ILE A 208 -18.93 -10.46 -3.85
CA ILE A 208 -17.46 -10.42 -3.79
C ILE A 208 -16.99 -10.23 -2.33
N LEU A 209 -17.50 -9.20 -1.69
CA LEU A 209 -17.05 -8.84 -0.35
C LEU A 209 -17.30 -9.99 0.62
N HIS A 210 -18.55 -10.38 0.78
CA HIS A 210 -18.93 -11.34 1.83
C HIS A 210 -18.55 -12.78 1.49
N GLN A 211 -18.74 -13.19 0.25
CA GLN A 211 -18.32 -14.55 -0.17
C GLN A 211 -16.80 -14.66 -0.32
N GLY A 212 -16.16 -13.56 -0.73
CA GLY A 212 -14.71 -13.53 -0.84
C GLY A 212 -14.03 -13.69 0.51
N GLN A 213 -14.55 -13.00 1.51
CA GLN A 213 -14.00 -13.05 2.86
C GLN A 213 -14.20 -14.40 3.53
N GLU A 214 -15.36 -15.04 3.30
CA GLU A 214 -15.63 -16.36 3.91
C GLU A 214 -14.70 -17.43 3.32
N ALA A 215 -14.50 -17.38 2.00
CA ALA A 215 -13.57 -18.31 1.32
C ALA A 215 -12.14 -18.19 1.82
N ILE A 216 -11.72 -16.98 2.14
CA ILE A 216 -10.37 -16.71 2.64
C ILE A 216 -10.27 -17.17 4.10
N LEU A 217 -11.32 -16.94 4.88
CA LEU A 217 -11.43 -17.50 6.24
C LEU A 217 -11.25 -19.03 6.18
N GLN A 218 -12.11 -19.71 5.42
CA GLN A 218 -12.11 -21.16 5.31
C GLN A 218 -10.83 -21.78 4.74
N ARG A 219 -10.17 -21.08 3.83
CA ARG A 219 -8.97 -21.57 3.14
C ARG A 219 -7.66 -21.28 3.89
N TYR A 220 -7.52 -20.04 4.38
CA TYR A 220 -6.28 -19.55 4.96
C TYR A 220 -6.36 -19.25 6.48
N ARG A 221 -7.56 -19.35 7.05
CA ARG A 221 -7.80 -19.02 8.46
C ARG A 221 -7.53 -17.53 8.74
N MET A 222 -7.79 -16.69 7.73
CA MET A 222 -7.60 -15.25 7.86
C MET A 222 -8.95 -14.57 8.02
N LYS A 223 -9.13 -13.96 9.19
CA LYS A 223 -10.34 -13.22 9.49
C LYS A 223 -10.44 -11.93 8.67
N GLY A 224 -11.68 -11.47 8.49
CA GLY A 224 -12.00 -10.31 7.67
C GLY A 224 -11.41 -8.99 8.16
N ASP A 225 -11.30 -8.84 9.47
CA ASP A 225 -10.67 -7.65 10.05
C ASP A 225 -9.15 -7.68 9.87
N HIS A 226 -8.63 -8.76 9.29
CA HIS A 226 -7.25 -8.84 8.84
C HIS A 226 -7.07 -8.52 7.35
N LEU A 227 -8.15 -8.21 6.66
CA LEU A 227 -8.13 -8.03 5.22
C LEU A 227 -8.43 -6.58 4.84
N ARG A 228 -7.60 -6.03 3.96
CA ARG A 228 -7.91 -4.78 3.28
C ARG A 228 -8.41 -5.17 1.91
N VAL A 229 -9.68 -4.83 1.63
CA VAL A 229 -10.41 -5.27 0.45
C VAL A 229 -10.84 -4.04 -0.37
N TYR A 230 -10.23 -3.86 -1.55
CA TYR A 230 -10.36 -2.64 -2.32
C TYR A 230 -10.32 -2.88 -3.84
N LEU A 231 -10.70 -1.84 -4.59
CA LEU A 231 -10.48 -1.76 -6.04
C LEU A 231 -9.44 -0.66 -6.32
N HIS A 232 -8.77 -0.74 -7.46
CA HIS A 232 -7.87 0.32 -7.96
C HIS A 232 -8.60 1.32 -8.87
N TYR A 233 -8.28 2.61 -8.73
CA TYR A 233 -8.60 3.61 -9.76
C TYR A 233 -7.43 4.61 -9.88
N LEU A 234 -6.76 4.68 -11.04
CA LEU A 234 -7.10 3.88 -12.24
C LEU A 234 -6.74 2.42 -12.07
N PRO A 235 -7.54 1.50 -12.67
CA PRO A 235 -7.10 0.11 -12.67
C PRO A 235 -5.98 -0.10 -13.70
N SER A 236 -5.19 -1.16 -13.51
CA SER A 236 -4.14 -1.52 -14.46
C SER A 236 -4.74 -2.24 -15.66
N TYR A 237 -5.89 -2.87 -15.45
CA TYR A 237 -6.63 -3.49 -16.54
C TYR A 237 -8.12 -3.29 -16.35
N TYR A 238 -8.83 -3.17 -17.46
CA TYR A 238 -10.22 -2.68 -17.47
C TYR A 238 -11.26 -3.80 -17.56
N HIS A 239 -11.25 -4.64 -16.53
CA HIS A 239 -12.31 -5.60 -16.26
C HIS A 239 -12.47 -5.61 -14.73
N LEU A 240 -13.54 -5.03 -14.22
CA LEU A 240 -13.73 -4.88 -12.78
C LEU A 240 -13.10 -6.03 -12.01
N HIS A 241 -12.38 -5.69 -10.95
CA HIS A 241 -11.75 -6.66 -10.07
C HIS A 241 -11.44 -6.00 -8.73
N VAL A 242 -11.54 -6.79 -7.68
CA VAL A 242 -11.32 -6.35 -6.31
C VAL A 242 -10.10 -7.09 -5.73
N HIS A 243 -9.27 -6.37 -4.97
CA HIS A 243 -8.06 -6.94 -4.35
C HIS A 243 -8.30 -7.27 -2.90
N PHE A 244 -7.94 -8.50 -2.52
CA PHE A 244 -8.01 -8.98 -1.13
C PHE A 244 -6.59 -9.14 -0.59
N THR A 245 -6.18 -8.25 0.32
CA THR A 245 -4.82 -8.27 0.84
C THR A 245 -4.80 -8.27 2.37
N ALA A 246 -3.75 -8.87 2.94
CA ALA A 246 -3.48 -8.78 4.36
C ALA A 246 -3.29 -7.32 4.70
N LEU A 247 -3.91 -6.91 5.79
CA LEU A 247 -3.81 -5.56 6.29
C LEU A 247 -2.35 -5.17 6.58
N GLY A 248 -1.55 -6.13 7.03
CA GLY A 248 -0.13 -5.90 7.33
C GLY A 248 0.79 -5.83 6.12
N PHE A 249 0.25 -6.21 4.96
CA PHE A 249 0.96 -6.10 3.67
C PHE A 249 0.76 -4.69 3.12
N GLU A 250 1.83 -3.96 2.83
CA GLU A 250 1.72 -2.63 2.21
C GLU A 250 1.56 -2.88 0.71
N ALA A 251 0.33 -3.21 0.33
CA ALA A 251 0.05 -3.88 -0.94
C ALA A 251 -0.03 -2.90 -2.13
N PRO A 252 -0.01 -3.44 -3.37
CA PRO A 252 0.11 -2.57 -4.54
C PRO A 252 -1.14 -1.72 -4.74
N GLY A 253 -0.94 -0.42 -4.86
CA GLY A 253 -2.04 0.54 -5.03
C GLY A 253 -2.97 0.64 -3.82
N SER A 254 -2.45 0.37 -2.63
CA SER A 254 -3.25 0.47 -1.39
C SER A 254 -3.23 1.88 -0.76
N GLY A 255 -2.45 2.79 -1.32
CA GLY A 255 -2.46 4.19 -0.87
C GLY A 255 -3.82 4.83 -1.08
N VAL A 256 -4.08 5.97 -0.44
CA VAL A 256 -5.40 6.61 -0.61
C VAL A 256 -5.60 7.20 -2.02
N GLU A 257 -4.52 7.55 -2.71
CA GLU A 257 -4.65 8.07 -4.08
C GLU A 257 -5.01 6.99 -5.14
N ARG A 258 -5.16 5.73 -4.74
CA ARG A 258 -5.56 4.69 -5.69
C ARG A 258 -6.60 3.68 -5.20
N ALA A 259 -6.58 3.35 -3.90
CA ALA A 259 -7.42 2.30 -3.37
C ALA A 259 -8.75 2.84 -2.87
N HIS A 260 -9.83 2.11 -3.22
CA HIS A 260 -11.20 2.41 -2.82
C HIS A 260 -11.79 1.16 -2.19
N LEU A 261 -12.07 1.21 -0.89
CA LEU A 261 -12.51 0.02 -0.15
C LEU A 261 -13.87 -0.42 -0.63
N LEU A 262 -14.07 -1.74 -0.78
CA LEU A 262 -15.32 -2.31 -1.30
C LEU A 262 -16.50 -2.02 -0.38
N ALA A 263 -16.31 -2.21 0.92
CA ALA A 263 -17.34 -1.86 1.89
C ALA A 263 -17.83 -0.42 1.68
N GLU A 264 -16.89 0.51 1.48
CA GLU A 264 -17.23 1.92 1.27
C GLU A 264 -17.88 2.15 -0.08
N VAL A 265 -17.38 1.49 -1.13
CA VAL A 265 -17.98 1.58 -2.46
C VAL A 265 -19.43 1.11 -2.47
N ILE A 266 -19.72 -0.01 -1.81
CA ILE A 266 -21.10 -0.50 -1.65
C ILE A 266 -21.98 0.53 -0.93
N GLU A 267 -21.48 1.10 0.16
CA GLU A 267 -22.25 2.08 0.92
C GLU A 267 -22.41 3.44 0.22
N ASN A 268 -21.39 3.86 -0.51
CA ASN A 268 -21.47 5.06 -1.35
C ASN A 268 -22.63 4.94 -2.37
N LEU A 269 -22.73 3.79 -3.03
CA LEU A 269 -23.78 3.54 -4.02
C LEU A 269 -25.18 3.40 -3.39
N GLU A 270 -25.23 2.86 -2.16
CA GLU A 270 -26.47 2.78 -1.40
C GLU A 270 -27.02 4.15 -0.98
N CYS A 271 -26.15 5.07 -0.59
CA CYS A 271 -26.54 6.45 -0.25
C CYS A 271 -26.84 7.31 -1.47
N ASP A 272 -26.07 7.10 -2.54
CA ASP A 272 -26.17 7.93 -3.75
C ASP A 272 -25.92 7.04 -4.97
N PRO A 273 -27.02 6.64 -5.66
CA PRO A 273 -26.92 5.81 -6.86
C PRO A 273 -25.97 6.31 -7.94
N ARG A 274 -25.86 7.62 -8.08
CA ARG A 274 -24.99 8.26 -9.09
C ARG A 274 -23.61 8.66 -8.54
N HIS A 275 -23.21 8.10 -7.41
CA HIS A 275 -21.96 8.47 -6.74
C HIS A 275 -20.75 8.45 -7.68
N TYR A 276 -20.48 7.30 -8.27
CA TYR A 276 -19.34 7.14 -9.17
C TYR A 276 -19.58 7.69 -10.58
N GLN A 277 -20.82 8.12 -10.84
CA GLN A 277 -21.15 8.90 -12.04
C GLN A 277 -20.85 10.39 -11.85
N GLN A 278 -21.14 10.89 -10.66
CA GLN A 278 -21.17 12.32 -10.36
C GLN A 278 -19.87 12.83 -9.70
N ARG A 279 -19.36 12.08 -8.73
CA ARG A 279 -18.26 12.57 -7.86
C ARG A 279 -16.87 12.60 -8.51
N THR A 280 -16.03 13.56 -8.10
CA THR A 280 -14.65 13.68 -8.59
C THR A 280 -13.77 12.62 -7.94
N LEU A 281 -13.04 11.86 -8.75
CA LEU A 281 -12.09 10.86 -8.26
C LEU A 281 -10.70 11.43 -8.43
N THR A 282 -9.81 11.11 -7.50
CA THR A 282 -8.42 11.54 -7.54
C THR A 282 -7.51 10.33 -7.67
N PHE A 283 -6.56 10.41 -8.61
CA PHE A 283 -5.65 9.31 -8.93
C PHE A 283 -4.34 9.79 -9.57
N ALA A 284 -3.35 8.91 -9.57
CA ALA A 284 -2.04 9.18 -10.18
C ALA A 284 -1.99 8.75 -11.65
N LEU A 285 -1.31 9.56 -12.48
CA LEU A 285 -1.07 9.26 -13.90
C LEU A 285 0.39 9.54 -14.24
N ARG A 286 0.96 8.70 -15.09
CA ARG A 286 2.35 8.85 -15.55
C ARG A 286 2.52 10.14 -16.36
N ALA A 287 3.71 10.73 -16.26
CA ALA A 287 4.04 11.97 -17.01
C ALA A 287 3.85 11.84 -18.53
N ASP A 288 4.18 10.68 -19.07
CA ASP A 288 4.05 10.41 -20.52
C ASP A 288 2.68 9.84 -20.94
N ASP A 289 1.66 10.00 -20.11
CA ASP A 289 0.31 9.52 -20.42
C ASP A 289 -0.48 10.60 -21.15
N PRO A 290 -1.01 10.30 -22.36
CA PRO A 290 -1.82 11.27 -23.09
C PRO A 290 -3.09 11.70 -22.36
N LEU A 291 -3.65 10.80 -21.56
CA LEU A 291 -4.79 11.12 -20.71
C LEU A 291 -4.51 12.30 -19.78
N LEU A 292 -3.28 12.37 -19.25
CA LEU A 292 -2.92 13.45 -18.31
C LEU A 292 -3.05 14.84 -18.95
N LYS A 293 -2.61 14.96 -20.19
CA LYS A 293 -2.74 16.21 -20.95
C LYS A 293 -4.20 16.56 -21.22
N LEU A 294 -4.96 15.55 -21.64
CA LEU A 294 -6.35 15.73 -22.01
C LEU A 294 -7.23 16.17 -20.83
N LEU A 295 -6.92 15.65 -19.64
CA LEU A 295 -7.61 16.06 -18.41
C LEU A 295 -7.16 17.47 -17.98
N GLN A 296 -5.86 17.75 -18.07
CA GLN A 296 -5.32 19.06 -17.71
C GLN A 296 -5.86 20.21 -18.57
N GLU A 297 -6.31 19.91 -19.80
CA GLU A 297 -6.85 20.93 -20.70
C GLU A 297 -8.38 21.03 -20.68
N ALA A 298 -9.02 20.37 -19.72
CA ALA A 298 -10.49 20.30 -19.69
C ALA A 298 -11.03 20.39 -18.27
N VAL B 4 31.96 -15.71 11.02
CA VAL B 4 31.65 -17.16 11.08
C VAL B 4 30.44 -17.45 12.00
N ARG B 5 30.47 -16.96 13.23
CA ARG B 5 29.40 -17.25 14.19
C ARG B 5 28.77 -16.02 14.83
N LEU B 6 27.56 -16.19 15.37
CA LEU B 6 26.87 -15.13 16.10
C LEU B 6 27.36 -15.14 17.55
N PRO B 7 27.20 -14.01 18.28
CA PRO B 7 27.78 -13.93 19.62
C PRO B 7 26.94 -14.55 20.75
N PHE B 8 25.99 -15.42 20.41
CA PHE B 8 25.15 -16.08 21.41
C PHE B 8 24.76 -17.50 20.98
N SER B 9 23.97 -18.17 21.82
CA SER B 9 23.51 -19.53 21.55
C SER B 9 22.01 -19.66 21.77
N GLY B 10 21.41 -20.61 21.05
CA GLY B 10 20.03 -21.02 21.27
C GLY B 10 19.00 -19.97 20.89
N PHE B 11 19.25 -19.25 19.80
CA PHE B 11 18.32 -18.21 19.32
C PHE B 11 16.92 -18.81 19.22
N ARG B 12 16.08 -18.41 20.17
CA ARG B 12 14.72 -18.87 20.28
C ARG B 12 13.80 -17.66 20.04
N LEU B 13 13.02 -17.73 18.96
CA LEU B 13 12.14 -16.63 18.57
C LEU B 13 11.09 -16.35 19.65
N GLN B 14 11.06 -15.10 20.11
CA GLN B 14 10.01 -14.63 21.04
C GLN B 14 8.86 -13.99 20.31
N LYS B 15 9.18 -13.24 19.27
CA LYS B 15 8.24 -12.36 18.62
C LYS B 15 8.86 -11.80 17.34
N VAL B 16 8.04 -11.70 16.30
CA VAL B 16 8.37 -10.93 15.13
C VAL B 16 8.00 -9.49 15.46
N LEU B 17 9.01 -8.67 15.72
CA LEU B 17 8.77 -7.28 16.12
C LEU B 17 8.11 -6.53 14.97
N ARG B 18 8.70 -6.69 13.79
CA ARG B 18 8.23 -6.03 12.58
C ARG B 18 8.49 -6.90 11.37
N GLU B 19 7.60 -6.82 10.38
CA GLU B 19 7.87 -7.37 9.06
C GLU B 19 7.24 -6.50 7.97
N SER B 20 7.96 -6.36 6.86
CA SER B 20 7.43 -5.76 5.65
C SER B 20 7.65 -6.77 4.53
N ALA B 21 6.57 -7.23 3.92
CA ALA B 21 6.66 -8.08 2.73
C ALA B 21 7.09 -7.24 1.52
N ARG B 22 6.64 -5.99 1.48
CA ARG B 22 6.98 -5.07 0.39
C ARG B 22 8.48 -4.70 0.36
N ASP B 23 9.05 -4.45 1.54
CA ASP B 23 10.44 -4.02 1.69
C ASP B 23 11.42 -5.20 1.88
N LYS B 24 10.88 -6.40 2.09
CA LYS B 24 11.67 -7.61 2.26
C LYS B 24 12.60 -7.45 3.47
N ILE B 25 11.98 -7.11 4.59
CA ILE B 25 12.69 -6.89 5.84
C ILE B 25 11.92 -7.54 6.99
N ILE B 26 12.63 -8.16 7.93
CA ILE B 26 12.02 -8.65 9.19
C ILE B 26 12.91 -8.26 10.38
N PHE B 27 12.26 -7.87 11.47
CA PHE B 27 12.93 -7.53 12.74
C PHE B 27 12.51 -8.58 13.74
N LEU B 28 13.47 -9.41 14.18
CA LEU B 28 13.14 -10.53 15.07
C LEU B 28 13.61 -10.29 16.51
N HIS B 29 12.72 -10.54 17.46
CA HIS B 29 13.08 -10.58 18.88
C HIS B 29 13.29 -12.04 19.27
N GLY B 30 14.49 -12.36 19.70
CA GLY B 30 14.82 -13.70 20.17
C GLY B 30 15.43 -13.70 21.55
N LYS B 31 15.07 -14.70 22.35
CA LYS B 31 15.79 -14.98 23.60
C LYS B 31 17.00 -15.84 23.26
N VAL B 32 18.11 -15.59 23.95
CA VAL B 32 19.33 -16.37 23.76
C VAL B 32 19.81 -16.96 25.10
N ASN B 33 20.72 -17.93 25.03
CA ASN B 33 21.30 -18.58 26.21
C ASN B 33 20.22 -19.19 27.14
N GLU B 42 20.17 -11.20 27.11
CA GLU B 42 19.37 -12.37 26.76
C GLU B 42 18.33 -12.03 25.71
N ASP B 43 18.17 -10.74 25.45
CA ASP B 43 17.35 -10.27 24.35
C ASP B 43 18.23 -9.84 23.19
N ALA B 44 18.11 -10.54 22.08
CA ALA B 44 18.79 -10.20 20.86
C ALA B 44 17.73 -9.76 19.85
N VAL B 45 18.06 -8.74 19.07
CA VAL B 45 17.27 -8.38 17.90
C VAL B 45 18.09 -8.71 16.67
N VAL B 46 17.57 -9.58 15.82
CA VAL B 46 18.18 -9.85 14.52
C VAL B 46 17.30 -9.26 13.44
N ILE B 47 17.87 -8.32 12.70
CA ILE B 47 17.18 -7.66 11.62
C ILE B 47 17.74 -8.23 10.31
N LEU B 48 16.85 -8.81 9.50
CA LEU B 48 17.23 -9.33 8.19
C LEU B 48 16.56 -8.54 7.04
N GLU B 49 17.36 -8.16 6.04
CA GLU B 49 16.87 -7.48 4.86
C GLU B 49 17.49 -8.09 3.59
N LYS B 50 16.65 -8.62 2.71
CA LYS B 50 17.10 -9.11 1.39
C LYS B 50 17.73 -7.92 0.67
N THR B 51 18.68 -8.20 -0.21
CA THR B 51 19.43 -7.14 -0.90
C THR B 51 18.94 -6.80 -2.32
N PRO B 52 19.21 -5.55 -2.78
CA PRO B 52 18.97 -5.16 -4.16
C PRO B 52 19.66 -6.07 -5.20
N PHE B 53 19.10 -6.11 -6.40
CA PHE B 53 19.70 -6.91 -7.48
C PHE B 53 20.89 -6.20 -8.10
N GLN B 54 21.93 -6.97 -8.42
CA GLN B 54 23.00 -6.48 -9.27
C GLN B 54 22.66 -6.92 -10.67
N VAL B 55 22.50 -5.95 -11.58
CA VAL B 55 22.00 -6.25 -12.91
C VAL B 55 22.91 -7.21 -13.69
N GLU B 56 24.23 -7.07 -13.56
CA GLU B 56 25.14 -7.89 -14.36
C GLU B 56 25.04 -9.35 -14.00
N GLN B 57 24.76 -9.64 -12.74
CA GLN B 57 24.61 -11.01 -12.27
C GLN B 57 23.30 -11.64 -12.75
N VAL B 58 22.22 -10.86 -12.71
CA VAL B 58 20.95 -11.31 -13.25
C VAL B 58 21.07 -11.56 -14.77
N ALA B 59 21.61 -10.59 -15.49
CA ALA B 59 21.76 -10.70 -16.95
C ALA B 59 22.53 -11.95 -17.37
N GLN B 60 23.62 -12.27 -16.68
CA GLN B 60 24.42 -13.45 -17.03
C GLN B 60 23.82 -14.77 -16.52
N LEU B 61 23.13 -14.73 -15.37
CA LEU B 61 22.32 -15.87 -14.89
C LEU B 61 21.28 -16.28 -15.93
N LEU B 62 20.59 -15.28 -16.52
CA LEU B 62 19.46 -15.50 -17.44
C LEU B 62 19.86 -15.99 -18.83
N THR B 63 21.14 -15.83 -19.19
CA THR B 63 21.68 -16.41 -20.41
C THR B 63 22.27 -17.80 -20.18
N GLY B 64 22.39 -18.25 -18.93
CA GLY B 64 23.20 -19.44 -18.62
C GLY B 64 22.69 -20.36 -17.53
N SER B 65 21.83 -21.29 -17.92
CA SER B 65 21.44 -22.43 -17.08
C SER B 65 20.84 -22.06 -15.70
N PRO B 66 19.74 -21.26 -15.70
CA PRO B 66 19.12 -20.84 -14.45
C PRO B 66 18.25 -21.94 -13.86
N GLU B 67 18.16 -21.97 -12.53
CA GLU B 67 17.35 -22.99 -11.85
C GLU B 67 15.98 -22.40 -11.51
N LEU B 68 15.09 -22.50 -12.50
CA LEU B 68 13.71 -21.99 -12.41
C LEU B 68 12.76 -23.14 -12.10
N GLN B 69 11.63 -22.83 -11.48
CA GLN B 69 10.56 -23.80 -11.29
C GLN B 69 9.21 -23.09 -11.45
N LEU B 70 8.42 -23.50 -12.44
CA LEU B 70 7.14 -22.86 -12.77
C LEU B 70 6.12 -22.87 -11.63
N GLN B 71 5.54 -21.70 -11.37
CA GLN B 71 4.47 -21.51 -10.41
C GLN B 71 3.10 -21.70 -11.13
N PHE B 72 2.92 -20.95 -12.24
CA PHE B 72 1.80 -21.11 -13.18
C PHE B 72 2.02 -20.25 -14.43
N SER B 73 1.37 -20.60 -15.54
CA SER B 73 1.27 -19.70 -16.69
C SER B 73 -0.17 -19.46 -17.17
N ASN B 74 -0.34 -18.34 -17.88
CA ASN B 74 -1.60 -17.92 -18.46
C ASN B 74 -1.27 -16.95 -19.61
N ASP B 75 -1.52 -17.38 -20.85
CA ASP B 75 -1.31 -16.50 -22.00
C ASP B 75 0.20 -16.17 -22.15
N ILE B 76 0.54 -14.89 -22.31
CA ILE B 76 1.95 -14.46 -22.44
C ILE B 76 2.68 -14.35 -21.09
N TYR B 77 2.00 -14.61 -19.97
CA TYR B 77 2.61 -14.49 -18.64
C TYR B 77 2.97 -15.84 -18.02
N SER B 78 4.08 -15.84 -17.28
CA SER B 78 4.50 -17.01 -16.51
C SER B 78 5.32 -16.56 -15.31
N THR B 79 5.07 -17.19 -14.14
CA THR B 79 5.84 -16.92 -12.93
C THR B 79 6.57 -18.17 -12.47
N TYR B 80 7.74 -17.94 -11.87
CA TYR B 80 8.64 -19.01 -11.49
C TYR B 80 9.18 -18.79 -10.09
N HIS B 81 9.84 -19.83 -9.59
CA HIS B 81 10.68 -19.73 -8.41
C HIS B 81 12.12 -19.85 -8.89
N LEU B 82 12.92 -18.82 -8.65
CA LEU B 82 14.33 -18.86 -9.04
C LEU B 82 15.18 -18.99 -7.79
N PHE B 83 16.12 -19.93 -7.86
CA PHE B 83 17.08 -20.17 -6.82
C PHE B 83 18.47 -19.85 -7.39
N PRO B 84 18.90 -18.57 -7.26
CA PRO B 84 20.14 -18.14 -7.90
C PRO B 84 21.40 -18.60 -7.18
N PRO B 85 22.55 -18.53 -7.86
CA PRO B 85 23.80 -18.82 -7.19
C PRO B 85 24.17 -17.77 -6.14
N ARG B 86 25.11 -18.15 -5.27
CA ARG B 86 25.51 -17.40 -4.08
C ARG B 86 25.51 -15.85 -4.14
N GLN B 87 26.04 -15.24 -5.21
CA GLN B 87 26.22 -13.77 -5.24
C GLN B 87 24.90 -13.00 -5.20
N LEU B 88 23.81 -13.67 -5.59
CA LEU B 88 22.49 -13.03 -5.63
C LEU B 88 21.72 -13.21 -4.31
N ASN B 89 22.29 -14.00 -3.39
CA ASN B 89 21.59 -14.48 -2.19
C ASN B 89 21.93 -13.78 -0.87
N ASP B 90 22.91 -12.89 -0.88
CA ASP B 90 23.25 -12.05 0.26
C ASP B 90 22.01 -11.44 0.96
N VAL B 91 21.87 -11.71 2.26
CA VAL B 91 20.88 -11.07 3.11
C VAL B 91 21.61 -10.24 4.17
N LYS B 92 21.42 -8.92 4.12
CA LYS B 92 22.00 -8.02 5.11
C LYS B 92 21.41 -8.29 6.50
N THR B 93 22.28 -8.64 7.43
CA THR B 93 21.90 -9.18 8.74
C THR B 93 22.46 -8.33 9.88
N THR B 94 21.59 -7.58 10.56
CA THR B 94 22.01 -6.72 11.67
C THR B 94 21.60 -7.31 13.02
N VAL B 95 22.57 -7.45 13.93
CA VAL B 95 22.32 -8.03 15.24
C VAL B 95 22.52 -6.99 16.35
N VAL B 96 21.51 -6.86 17.22
CA VAL B 96 21.59 -6.01 18.41
C VAL B 96 21.61 -6.96 19.60
N TYR B 97 22.64 -6.86 20.44
CA TYR B 97 22.78 -7.80 21.56
C TYR B 97 23.70 -7.28 22.67
N PRO B 98 23.17 -7.19 23.92
CA PRO B 98 21.76 -7.33 24.29
C PRO B 98 20.86 -6.19 23.82
N ALA B 99 19.56 -6.45 23.80
CA ALA B 99 18.57 -5.48 23.36
C ALA B 99 17.84 -4.89 24.57
N THR B 100 17.98 -3.59 24.75
CA THR B 100 17.22 -2.85 25.77
C THR B 100 15.75 -2.90 25.44
N GLU B 101 14.89 -2.57 26.41
CA GLU B 101 13.47 -2.46 26.14
C GLU B 101 13.26 -1.32 25.15
N LYS B 102 14.12 -0.30 25.18
CA LYS B 102 14.07 0.79 24.21
C LYS B 102 14.20 0.31 22.75
N HIS B 103 15.09 -0.67 22.53
CA HIS B 103 15.27 -1.27 21.20
C HIS B 103 14.01 -2.06 20.79
N LEU B 104 13.55 -2.91 21.69
CA LEU B 104 12.38 -3.75 21.42
C LEU B 104 11.16 -2.89 21.10
N GLN B 105 11.04 -1.76 21.81
CA GLN B 105 9.89 -0.88 21.67
C GLN B 105 9.97 0.01 20.42
N LYS B 106 11.17 0.27 19.92
CA LYS B 106 11.33 1.09 18.71
C LYS B 106 11.21 0.27 17.43
N TYR B 107 11.43 -1.05 17.52
CA TYR B 107 11.27 -1.95 16.39
C TYR B 107 9.90 -2.61 16.37
N LEU B 108 9.18 -2.54 17.49
CA LEU B 108 7.85 -3.14 17.58
C LEU B 108 6.74 -2.28 16.97
N ARG B 109 6.04 -2.85 16.00
CA ARG B 109 4.68 -2.39 15.71
C ARG B 109 3.75 -3.57 15.90
N GLN B 110 2.75 -3.39 16.75
CA GLN B 110 1.77 -4.45 16.97
C GLN B 110 0.93 -4.63 15.71
N ASP B 111 0.40 -5.85 15.53
CA ASP B 111 -0.39 -6.14 14.36
C ASP B 111 -1.77 -5.47 14.54
N LEU B 112 -2.35 -5.07 13.42
CA LEU B 112 -3.54 -4.23 13.45
C LEU B 112 -4.75 -5.07 13.05
N ARG B 113 -5.92 -4.52 13.37
CA ARG B 113 -7.20 -5.11 12.97
C ARG B 113 -8.09 -4.01 12.42
N LEU B 114 -8.88 -4.35 11.41
CA LEU B 114 -9.78 -3.40 10.79
C LEU B 114 -11.07 -3.28 11.61
N ILE B 115 -11.59 -2.06 11.71
CA ILE B 115 -12.91 -1.88 12.26
C ILE B 115 -13.69 -0.85 11.45
N ARG B 116 -14.98 -1.14 11.25
CA ARG B 116 -15.89 -0.26 10.55
C ARG B 116 -16.80 0.44 11.56
N GLU B 117 -16.37 1.63 11.97
CA GLU B 117 -17.07 2.42 12.98
C GLU B 117 -18.22 3.19 12.36
N THR B 118 -19.44 2.93 12.81
CA THR B 118 -20.60 3.70 12.39
C THR B 118 -20.65 5.02 13.15
N GLY B 119 -21.46 5.97 12.66
CA GLY B 119 -21.64 7.25 13.30
C GLY B 119 -22.15 7.05 14.71
N ASP B 120 -23.03 6.06 14.86
CA ASP B 120 -23.57 5.64 16.16
C ASP B 120 -22.50 5.00 17.06
N ASP B 121 -21.62 4.19 16.49
CA ASP B 121 -20.50 3.61 17.24
C ASP B 121 -19.57 4.69 17.80
N TYR B 122 -19.33 5.73 17.01
CA TYR B 122 -18.49 6.83 17.46
C TYR B 122 -19.10 7.53 18.69
N ARG B 123 -20.39 7.82 18.62
CA ARG B 123 -21.10 8.48 19.73
C ARG B 123 -21.25 7.60 20.98
N ASN B 124 -21.60 6.33 20.78
CA ASN B 124 -21.88 5.43 21.87
C ASN B 124 -20.64 4.81 22.51
N ILE B 125 -19.60 4.57 21.71
CA ILE B 125 -18.48 3.75 22.13
C ILE B 125 -17.14 4.45 22.09
N THR B 126 -16.82 5.10 20.97
CA THR B 126 -15.46 5.61 20.75
C THR B 126 -15.23 6.92 21.48
N LEU B 127 -16.23 7.81 21.45
CA LEU B 127 -16.09 9.13 22.06
C LEU B 127 -16.03 9.04 23.59
N PRO B 128 -16.94 8.28 24.23
CA PRO B 128 -16.82 8.07 25.68
C PRO B 128 -15.48 7.47 26.11
N HIS B 129 -14.92 6.55 25.32
CA HIS B 129 -13.59 6.01 25.58
C HIS B 129 -12.51 7.09 25.49
N LEU B 130 -12.60 7.94 24.48
CA LEU B 130 -11.72 9.11 24.33
C LEU B 130 -11.79 10.08 25.52
N GLU B 131 -13.00 10.36 26.01
CA GLU B 131 -13.19 11.24 27.16
C GLU B 131 -12.80 10.58 28.50
N SER B 132 -12.66 9.25 28.50
CA SER B 132 -12.12 8.54 29.67
C SER B 132 -10.60 8.70 29.80
N GLN B 133 -9.94 9.22 28.76
CA GLN B 133 -8.49 9.45 28.77
C GLN B 133 -8.16 10.94 28.87
N SER B 134 -6.98 11.21 29.44
CA SER B 134 -6.42 12.54 29.51
C SER B 134 -5.12 12.53 28.70
N LEU B 135 -5.16 13.16 27.54
CA LEU B 135 -4.01 13.24 26.66
C LEU B 135 -3.70 14.70 26.44
N SER B 136 -2.49 15.11 26.82
CA SER B 136 -2.08 16.50 26.69
C SER B 136 -1.67 16.87 25.25
N ILE B 137 -2.22 17.97 24.78
CA ILE B 137 -1.95 18.52 23.47
C ILE B 137 -1.25 19.89 23.64
N GLN B 138 -0.61 20.07 24.79
CA GLN B 138 -0.06 21.37 25.14
C GLN B 138 1.01 21.80 24.15
N TRP B 139 1.74 20.81 23.65
CA TRP B 139 2.80 21.05 22.67
C TRP B 139 2.22 21.66 21.38
N VAL B 140 0.96 21.34 21.06
CA VAL B 140 0.33 21.87 19.86
C VAL B 140 -0.01 23.34 20.06
N TYR B 141 -0.61 23.64 21.22
CA TYR B 141 -0.94 25.01 21.61
C TYR B 141 0.30 25.90 21.72
N ASN B 142 1.41 25.35 22.19
CA ASN B 142 2.68 26.11 22.25
C ASN B 142 3.25 26.49 20.89
N ILE B 143 3.04 25.65 19.88
CA ILE B 143 3.40 26.00 18.51
C ILE B 143 2.47 27.11 18.04
N LEU B 144 1.16 26.90 18.20
CA LEU B 144 0.13 27.83 17.72
C LEU B 144 0.26 29.23 18.35
N ASP B 145 0.60 29.28 19.64
CA ASP B 145 0.79 30.55 20.37
C ASP B 145 2.19 31.14 20.23
N LYS B 146 3.05 30.46 19.48
CA LYS B 146 4.40 30.93 19.17
C LYS B 146 5.33 30.96 20.36
N LYS B 147 5.16 30.00 21.27
CA LYS B 147 6.06 29.83 22.43
C LYS B 147 7.18 28.84 22.14
N ALA B 148 6.92 27.95 21.18
CA ALA B 148 7.87 26.93 20.79
C ALA B 148 7.76 26.68 19.28
N GLU B 149 8.90 26.33 18.67
CA GLU B 149 9.00 25.99 17.25
C GLU B 149 8.51 27.09 16.32
N ALA B 150 8.57 28.35 16.77
CA ALA B 150 8.23 29.47 15.92
C ALA B 150 9.19 29.58 14.73
N ASP B 151 10.44 29.17 14.95
CA ASP B 151 11.47 29.17 13.90
C ASP B 151 11.31 28.06 12.86
N ARG B 152 10.46 27.07 13.16
CA ARG B 152 10.19 25.93 12.27
C ARG B 152 8.99 26.15 11.31
N ILE B 153 8.14 27.13 11.62
CA ILE B 153 6.94 27.41 10.80
C ILE B 153 7.31 27.96 9.41
N VAL B 154 6.80 27.29 8.37
CA VAL B 154 7.05 27.65 6.98
C VAL B 154 6.02 28.64 6.45
N PHE B 155 4.78 28.46 6.87
CA PHE B 155 3.67 29.30 6.46
C PHE B 155 2.69 29.45 7.63
N GLU B 156 2.05 30.61 7.69
CA GLU B 156 0.96 30.83 8.63
C GLU B 156 -0.15 31.67 8.00
N ASN B 157 -1.38 31.20 8.19
CA ASN B 157 -2.58 32.02 8.15
C ASN B 157 -2.96 32.26 9.62
N PRO B 158 -2.69 33.47 10.16
CA PRO B 158 -2.92 33.74 11.59
C PRO B 158 -4.38 33.90 12.05
N ASP B 159 -5.33 33.71 11.16
CA ASP B 159 -6.73 33.83 11.52
C ASP B 159 -7.15 32.75 12.53
N PRO B 160 -7.85 33.15 13.61
CA PRO B 160 -8.21 32.20 14.68
C PRO B 160 -9.32 31.21 14.36
N SER B 161 -10.13 31.50 13.34
CA SER B 161 -11.21 30.60 12.91
C SER B 161 -10.76 29.73 11.74
N ASP B 162 -10.28 30.38 10.68
CA ASP B 162 -9.96 29.72 9.41
C ASP B 162 -8.47 29.60 9.11
N GLY B 163 -7.63 29.79 10.12
CA GLY B 163 -6.19 29.83 9.93
C GLY B 163 -5.50 28.58 10.43
N PHE B 164 -4.21 28.49 10.12
CA PHE B 164 -3.41 27.33 10.43
C PHE B 164 -1.93 27.67 10.44
N VAL B 165 -1.13 26.70 10.86
CA VAL B 165 0.32 26.78 10.83
C VAL B 165 0.85 25.63 9.99
N LEU B 166 1.88 25.90 9.17
CA LEU B 166 2.52 24.87 8.35
C LEU B 166 3.95 24.62 8.83
N ILE B 167 4.19 23.42 9.33
CA ILE B 167 5.48 23.07 9.92
C ILE B 167 5.94 21.73 9.33
N PRO B 168 7.26 21.56 9.12
CA PRO B 168 7.75 20.31 8.56
C PRO B 168 7.67 19.17 9.55
N ASP B 169 7.59 17.95 9.05
CA ASP B 169 7.73 16.77 9.90
C ASP B 169 9.11 16.80 10.60
N LEU B 170 9.21 16.14 11.75
CA LEU B 170 10.45 16.15 12.54
C LEU B 170 11.49 15.16 11.97
N LYS B 171 11.03 14.24 11.14
CA LYS B 171 11.91 13.27 10.48
C LYS B 171 12.37 13.77 9.11
N TRP B 172 11.68 14.79 8.58
CA TRP B 172 12.11 15.43 7.35
C TRP B 172 13.14 16.52 7.65
N ASN B 173 14.39 16.23 7.28
CA ASN B 173 15.49 17.18 7.41
C ASN B 173 15.52 18.33 6.40
N GLN B 174 14.66 18.27 5.38
CA GLN B 174 14.61 19.28 4.30
C GLN B 174 15.89 19.29 3.45
N GLN B 175 16.51 18.12 3.27
CA GLN B 175 17.73 17.98 2.43
C GLN B 175 17.41 17.47 1.01
N GLN B 176 16.18 17.01 0.80
CA GLN B 176 15.74 16.53 -0.51
C GLN B 176 14.22 16.53 -0.58
N LEU B 177 13.68 16.69 -1.78
CA LEU B 177 12.24 16.76 -2.00
C LEU B 177 11.54 15.39 -2.08
N ASP B 178 12.32 14.32 -1.99
CA ASP B 178 11.83 12.96 -2.20
C ASP B 178 10.87 12.51 -1.11
N ASP B 179 11.26 12.81 0.13
CA ASP B 179 10.50 12.47 1.32
C ASP B 179 9.87 13.74 1.93
N LEU B 180 9.42 14.64 1.07
CA LEU B 180 8.81 15.90 1.52
C LEU B 180 7.61 15.56 2.40
N TYR B 181 7.56 16.19 3.57
CA TYR B 181 6.53 15.92 4.56
C TYR B 181 6.42 17.14 5.48
N LEU B 182 5.34 17.90 5.30
CA LEU B 182 4.97 18.98 6.20
C LEU B 182 3.60 18.66 6.81
N ILE B 183 3.25 19.42 7.84
CA ILE B 183 2.00 19.22 8.58
C ILE B 183 1.34 20.59 8.83
N ALA B 184 0.05 20.67 8.53
CA ALA B 184 -0.78 21.85 8.83
C ALA B 184 -1.58 21.63 10.13
N ILE B 185 -1.37 22.54 11.09
CA ILE B 185 -2.13 22.53 12.35
C ILE B 185 -3.00 23.79 12.47
N CYS B 186 -4.31 23.60 12.59
CA CYS B 186 -5.26 24.72 12.65
C CYS B 186 -5.19 25.50 13.97
N HIS B 187 -5.46 26.80 13.90
CA HIS B 187 -5.49 27.66 15.09
C HIS B 187 -6.72 27.40 15.94
N ARG B 188 -7.83 27.10 15.29
CA ARG B 188 -9.07 26.82 16.00
C ARG B 188 -8.92 25.56 16.84
N ARG B 189 -9.35 25.66 18.11
CA ARG B 189 -9.29 24.55 19.06
C ARG B 189 -10.65 23.87 19.15
N GLY B 190 -10.65 22.58 19.48
CA GLY B 190 -11.88 21.82 19.73
C GLY B 190 -12.30 20.85 18.63
N ILE B 191 -11.55 20.83 17.55
CA ILE B 191 -11.81 19.93 16.42
C ILE B 191 -10.92 18.71 16.57
N ARG B 192 -11.47 17.67 17.19
CA ARG B 192 -10.71 16.51 17.62
C ARG B 192 -10.25 15.65 16.45
N SER B 193 -11.10 15.54 15.44
CA SER B 193 -10.88 14.59 14.36
C SER B 193 -11.86 14.88 13.23
N LEU B 194 -11.75 14.09 12.17
CA LEU B 194 -12.72 14.04 11.07
C LEU B 194 -14.20 14.06 11.50
N ARG B 195 -14.49 13.38 12.61
CA ARG B 195 -15.86 13.22 13.11
C ARG B 195 -16.53 14.54 13.55
N ASP B 196 -15.72 15.59 13.71
CA ASP B 196 -16.21 16.90 14.16
C ASP B 196 -16.38 17.88 13.02
N LEU B 197 -15.99 17.49 11.81
CA LEU B 197 -16.04 18.39 10.66
C LEU B 197 -17.47 18.57 10.11
N THR B 198 -17.82 19.83 9.84
CA THR B 198 -19.10 20.26 9.34
C THR B 198 -18.78 21.32 8.27
N PRO B 199 -19.79 21.76 7.50
CA PRO B 199 -19.57 22.85 6.53
C PRO B 199 -19.12 24.19 7.14
N GLU B 200 -19.17 24.30 8.47
CA GLU B 200 -18.59 25.44 9.19
C GLU B 200 -17.06 25.51 9.02
N HIS B 201 -16.43 24.35 8.85
CA HIS B 201 -14.97 24.24 8.78
C HIS B 201 -14.40 24.29 7.35
N LEU B 202 -15.27 24.41 6.35
CA LEU B 202 -14.90 24.44 4.93
C LEU B 202 -13.92 25.57 4.54
N PRO B 203 -14.18 26.79 5.02
CA PRO B 203 -13.16 27.83 4.88
C PRO B 203 -11.78 27.50 5.48
N LEU B 204 -11.74 26.91 6.69
CA LEU B 204 -10.48 26.40 7.28
C LEU B 204 -9.82 25.34 6.38
N LEU B 205 -10.61 24.37 5.94
CA LEU B 205 -10.08 23.25 5.16
C LEU B 205 -9.61 23.62 3.73
N ARG B 206 -10.25 24.60 3.08
CA ARG B 206 -9.81 25.08 1.75
C ARG B 206 -8.54 25.90 1.85
N ASN B 207 -8.42 26.66 2.94
CA ASN B 207 -7.19 27.39 3.24
C ASN B 207 -6.04 26.43 3.43
N ILE B 208 -6.25 25.38 4.23
CA ILE B 208 -5.16 24.42 4.43
C ILE B 208 -4.73 23.84 3.08
N LEU B 209 -5.69 23.31 2.32
CA LEU B 209 -5.41 22.67 1.02
C LEU B 209 -4.76 23.65 0.04
N HIS B 210 -5.42 24.76 -0.20
CA HIS B 210 -4.96 25.70 -1.24
C HIS B 210 -3.78 26.57 -0.80
N GLN B 211 -3.79 27.10 0.42
CA GLN B 211 -2.64 27.88 0.91
C GLN B 211 -1.45 27.00 1.27
N GLY B 212 -1.70 25.83 1.83
CA GLY B 212 -0.65 24.84 2.09
C GLY B 212 0.08 24.45 0.81
N GLN B 213 -0.66 24.26 -0.28
CA GLN B 213 -0.04 23.87 -1.56
C GLN B 213 0.75 25.03 -2.17
N GLU B 214 0.16 26.21 -2.13
CA GLU B 214 0.81 27.42 -2.64
C GLU B 214 2.14 27.70 -1.93
N ALA B 215 2.18 27.45 -0.63
CA ALA B 215 3.37 27.76 0.19
C ALA B 215 4.52 26.76 0.00
N ILE B 216 4.15 25.51 -0.31
CA ILE B 216 5.12 24.46 -0.65
C ILE B 216 5.70 24.70 -2.06
N LEU B 217 4.84 25.08 -3.01
CA LEU B 217 5.29 25.50 -4.34
C LEU B 217 6.36 26.58 -4.22
N GLN B 218 6.00 27.66 -3.53
CA GLN B 218 6.86 28.84 -3.39
C GLN B 218 8.18 28.54 -2.67
N ARG B 219 8.11 27.74 -1.61
CA ARG B 219 9.27 27.47 -0.78
C ARG B 219 10.16 26.37 -1.38
N TYR B 220 9.56 25.23 -1.69
CA TYR B 220 10.33 24.05 -2.08
C TYR B 220 10.23 23.74 -3.58
N ARG B 221 9.45 24.53 -4.32
CA ARG B 221 9.35 24.41 -5.79
C ARG B 221 8.65 23.12 -6.24
N MET B 222 7.76 22.61 -5.38
CA MET B 222 6.98 21.41 -5.69
C MET B 222 5.53 21.78 -5.99
N LYS B 223 5.00 21.25 -7.10
CA LYS B 223 3.62 21.53 -7.53
C LYS B 223 2.61 20.65 -6.81
N GLY B 224 1.36 21.12 -6.79
CA GLY B 224 0.28 20.46 -6.08
C GLY B 224 0.00 19.05 -6.55
N ASP B 225 0.17 18.80 -7.85
CA ASP B 225 -0.02 17.46 -8.41
C ASP B 225 1.13 16.50 -8.05
N HIS B 226 2.12 17.02 -7.31
CA HIS B 226 3.16 16.20 -6.71
C HIS B 226 2.90 15.92 -5.23
N LEU B 227 1.75 16.35 -4.70
CA LEU B 227 1.48 16.31 -3.27
C LEU B 227 0.24 15.48 -2.87
N ARG B 228 0.44 14.54 -1.96
CA ARG B 228 -0.65 13.84 -1.28
C ARG B 228 -1.04 14.60 0.00
N VAL B 229 -2.25 15.14 0.02
CA VAL B 229 -2.71 16.02 1.11
C VAL B 229 -3.85 15.31 1.78
N TYR B 230 -3.71 14.96 3.05
CA TYR B 230 -4.67 14.07 3.70
C TYR B 230 -4.70 14.15 5.24
N LEU B 231 -5.83 13.72 5.79
CA LEU B 231 -6.00 13.55 7.24
C LEU B 231 -5.89 12.06 7.60
N HIS B 232 -5.56 11.79 8.87
CA HIS B 232 -5.61 10.46 9.43
C HIS B 232 -6.88 10.29 10.22
N TYR B 233 -7.46 9.09 10.10
CA TYR B 233 -8.45 8.65 11.05
C TYR B 233 -8.23 7.16 11.36
N LEU B 234 -8.00 6.79 12.63
CA LEU B 234 -7.94 7.75 13.74
C LEU B 234 -6.65 8.58 13.71
N PRO B 235 -6.71 9.83 14.21
CA PRO B 235 -5.52 10.65 14.23
C PRO B 235 -4.55 10.25 15.35
N SER B 236 -3.30 10.65 15.23
CA SER B 236 -2.32 10.36 16.29
C SER B 236 -2.55 11.25 17.52
N TYR B 237 -3.10 12.45 17.29
CA TYR B 237 -3.50 13.35 18.37
C TYR B 237 -4.76 14.11 17.97
N TYR B 238 -5.62 14.36 18.95
CA TYR B 238 -6.97 14.85 18.66
C TYR B 238 -7.06 16.37 18.66
N HIS B 239 -6.27 16.98 17.79
CA HIS B 239 -6.43 18.35 17.35
C HIS B 239 -6.21 18.33 15.83
N LEU B 240 -7.22 18.75 15.07
CA LEU B 240 -7.21 18.62 13.61
C LEU B 240 -5.87 19.02 12.96
N HIS B 241 -5.30 18.08 12.21
CA HIS B 241 -4.06 18.33 11.46
C HIS B 241 -4.03 17.54 10.15
N VAL B 242 -3.28 18.07 9.18
CA VAL B 242 -3.26 17.58 7.81
C VAL B 242 -1.83 17.30 7.38
N HIS B 243 -1.63 16.24 6.60
CA HIS B 243 -0.30 15.82 6.14
C HIS B 243 -0.10 16.18 4.69
N PHE B 244 1.02 16.85 4.41
CA PHE B 244 1.43 17.18 3.04
C PHE B 244 2.67 16.36 2.77
N THR B 245 2.56 15.34 1.92
CA THR B 245 3.73 14.57 1.53
C THR B 245 3.91 14.56 0.03
N ALA B 246 5.14 14.30 -0.40
CA ALA B 246 5.43 14.12 -1.82
C ALA B 246 4.75 12.84 -2.29
N LEU B 247 4.20 12.86 -3.50
CA LEU B 247 3.48 11.71 -4.04
C LEU B 247 4.40 10.49 -4.13
N GLY B 248 5.68 10.74 -4.43
CA GLY B 248 6.69 9.67 -4.53
C GLY B 248 7.07 9.06 -3.20
N PHE B 249 6.64 9.69 -2.12
CA PHE B 249 6.90 9.23 -0.75
C PHE B 249 5.67 8.51 -0.22
N GLU B 250 5.70 7.18 -0.25
CA GLU B 250 4.58 6.40 0.26
C GLU B 250 4.77 6.23 1.77
N ALA B 251 4.63 7.35 2.48
CA ALA B 251 4.88 7.42 3.92
C ALA B 251 3.86 6.59 4.70
N PRO B 252 4.28 6.05 5.86
CA PRO B 252 3.29 5.32 6.66
C PRO B 252 2.10 6.19 7.03
N GLY B 253 0.90 5.63 6.90
CA GLY B 253 -0.34 6.33 7.22
C GLY B 253 -1.10 6.78 6.00
N SER B 254 -0.47 6.70 4.82
CA SER B 254 -1.12 7.07 3.56
C SER B 254 -1.96 5.96 2.95
N GLY B 255 -2.08 4.82 3.63
CA GLY B 255 -2.95 3.73 3.17
C GLY B 255 -4.41 4.12 3.23
N VAL B 256 -5.22 3.61 2.30
CA VAL B 256 -6.66 3.87 2.26
C VAL B 256 -7.34 3.64 3.61
N GLU B 257 -6.84 2.67 4.38
CA GLU B 257 -7.41 2.32 5.69
C GLU B 257 -7.13 3.34 6.80
N ARG B 258 -6.21 4.28 6.59
CA ARG B 258 -6.02 5.36 7.55
C ARG B 258 -6.20 6.76 6.97
N ALA B 259 -5.71 6.99 5.75
CA ALA B 259 -5.68 8.32 5.15
C ALA B 259 -7.00 8.71 4.50
N HIS B 260 -7.26 10.01 4.50
CA HIS B 260 -8.44 10.60 3.85
C HIS B 260 -8.01 11.89 3.15
N LEU B 261 -8.14 11.93 1.83
CA LEU B 261 -7.72 13.11 1.07
C LEU B 261 -8.56 14.36 1.43
N LEU B 262 -7.87 15.47 1.65
CA LEU B 262 -8.50 16.72 2.10
C LEU B 262 -9.47 17.27 1.02
N ALA B 263 -9.09 17.11 -0.25
CA ALA B 263 -9.91 17.55 -1.36
C ALA B 263 -11.30 16.88 -1.35
N GLU B 264 -11.30 15.56 -1.15
CA GLU B 264 -12.55 14.79 -1.06
C GLU B 264 -13.31 15.02 0.26
N VAL B 265 -12.60 15.32 1.34
CA VAL B 265 -13.24 15.71 2.61
C VAL B 265 -14.01 17.03 2.44
N ILE B 266 -13.39 18.00 1.77
CA ILE B 266 -14.05 19.27 1.42
C ILE B 266 -15.32 19.02 0.61
N GLU B 267 -15.17 18.25 -0.46
CA GLU B 267 -16.30 17.95 -1.34
C GLU B 267 -17.36 17.05 -0.73
N ASN B 268 -16.96 16.15 0.16
CA ASN B 268 -17.92 15.33 0.95
C ASN B 268 -18.90 16.22 1.69
N LEU B 269 -18.37 17.25 2.33
CA LEU B 269 -19.14 18.19 3.16
C LEU B 269 -19.91 19.19 2.32
N GLU B 270 -19.41 19.46 1.11
CA GLU B 270 -20.09 20.37 0.18
C GLU B 270 -21.41 19.80 -0.36
N CYS B 271 -21.46 18.50 -0.65
CA CYS B 271 -22.71 17.88 -1.13
C CYS B 271 -23.42 17.01 -0.10
N ASP B 272 -22.87 16.97 1.11
CA ASP B 272 -23.42 16.13 2.17
C ASP B 272 -22.99 16.66 3.55
N PRO B 273 -23.64 17.74 4.03
CA PRO B 273 -23.32 18.46 5.27
C PRO B 273 -22.94 17.62 6.50
N ARG B 274 -23.64 16.51 6.72
CA ARG B 274 -23.48 15.72 7.95
C ARG B 274 -22.76 14.39 7.73
N HIS B 275 -21.93 14.34 6.70
CA HIS B 275 -21.26 13.11 6.25
C HIS B 275 -20.44 12.48 7.37
N TYR B 276 -19.63 13.30 8.03
CA TYR B 276 -18.69 12.75 9.00
C TYR B 276 -19.30 12.49 10.36
N GLN B 277 -20.57 12.87 10.55
CA GLN B 277 -21.36 12.44 11.70
C GLN B 277 -22.24 11.23 11.39
N GLN B 278 -22.64 11.06 10.14
CA GLN B 278 -23.63 10.02 9.77
C GLN B 278 -23.00 8.75 9.21
N ARG B 279 -21.86 8.88 8.54
CA ARG B 279 -21.29 7.76 7.78
C ARG B 279 -20.35 6.86 8.58
N THR B 280 -20.25 5.61 8.15
CA THR B 280 -19.33 4.64 8.74
C THR B 280 -17.92 4.92 8.21
N LEU B 281 -16.95 5.06 9.12
CA LEU B 281 -15.55 5.26 8.77
C LEU B 281 -14.74 3.99 9.15
N THR B 282 -13.80 3.59 8.29
CA THR B 282 -13.00 2.38 8.50
C THR B 282 -11.58 2.75 8.90
N PHE B 283 -11.10 2.12 9.97
CA PHE B 283 -9.73 2.31 10.42
C PHE B 283 -9.19 1.05 11.11
N ALA B 284 -7.89 1.01 11.33
CA ALA B 284 -7.25 -0.13 12.00
C ALA B 284 -6.86 0.22 13.43
N LEU B 285 -7.04 -0.72 14.35
CA LEU B 285 -6.62 -0.55 15.73
C LEU B 285 -5.59 -1.61 16.08
N ARG B 286 -4.65 -1.26 16.96
CA ARG B 286 -3.66 -2.23 17.43
C ARG B 286 -4.41 -3.32 18.19
N ALA B 287 -4.03 -4.57 17.97
CA ALA B 287 -4.71 -5.72 18.56
C ALA B 287 -4.92 -5.55 20.08
N ASP B 288 -3.92 -5.02 20.78
CA ASP B 288 -3.99 -4.81 22.23
C ASP B 288 -4.67 -3.49 22.66
N ASP B 289 -5.33 -2.81 21.71
CA ASP B 289 -5.98 -1.53 21.99
C ASP B 289 -7.35 -1.79 22.59
N PRO B 290 -7.60 -1.29 23.82
CA PRO B 290 -8.88 -1.53 24.47
C PRO B 290 -10.10 -0.95 23.75
N LEU B 291 -9.89 -0.01 22.82
CA LEU B 291 -11.00 0.53 22.01
C LEU B 291 -11.52 -0.50 21.00
N LEU B 292 -10.62 -1.34 20.49
CA LEU B 292 -10.98 -2.44 19.61
C LEU B 292 -11.98 -3.37 20.30
N LYS B 293 -11.61 -3.84 21.50
CA LYS B 293 -12.44 -4.71 22.32
C LYS B 293 -13.85 -4.16 22.48
N LEU B 294 -13.94 -2.94 22.99
CA LEU B 294 -15.24 -2.26 23.17
C LEU B 294 -16.10 -2.30 21.89
N LEU B 295 -15.52 -1.87 20.78
CA LEU B 295 -16.24 -1.80 19.50
C LEU B 295 -16.68 -3.17 18.98
N GLN B 296 -15.81 -4.17 19.11
CA GLN B 296 -16.16 -5.54 18.74
C GLN B 296 -17.35 -6.05 19.56
N GLU B 297 -17.23 -5.94 20.89
CA GLU B 297 -18.32 -6.32 21.82
C GLU B 297 -19.63 -5.60 21.52
N ALA B 298 -19.55 -4.33 21.15
CA ALA B 298 -20.74 -3.54 20.78
C ALA B 298 -21.28 -3.83 19.38
N GLN B 299 -20.56 -4.64 18.61
CA GLN B 299 -20.96 -5.03 17.25
C GLN B 299 -21.37 -6.51 17.12
N GLN B 300 -21.02 -7.32 18.12
CA GLN B 300 -21.48 -8.72 18.19
C GLN B 300 -22.87 -8.81 18.84
F58 DD1 C . 0.25 -2.06 -14.45
C1 DD1 C . 1.45 -2.31 -13.89
C6 DD1 C . 2.55 -1.55 -14.26
C5 DD1 C . 3.79 -1.79 -13.68
C4 DD1 C . 3.95 -2.79 -12.72
C3 DD1 C . 2.87 -3.58 -12.30
C2 DD1 C . 1.60 -3.40 -12.87
C13 DD1 C . 0.44 -4.24 -12.39
N15 DD1 C . -0.09 -5.29 -13.28
C21 DD1 C . 0.07 -5.29 -14.73
C20 DD1 C . -0.62 -6.53 -15.30
C19 DD1 C . -0.16 -7.83 -14.63
C18 DD1 C . -0.29 -7.71 -13.10
C17 DD1 C . -0.85 -6.37 -12.65
C28 DD1 C . -0.88 -9.07 -15.22
O30 DD1 C . -1.62 -9.94 -14.34
C32 DD1 C . -1.82 -11.28 -14.63
C38 DD1 C . -2.44 -12.21 -13.64
C45 DD1 C . -2.89 -11.79 -12.28
N54 DD1 C . -2.77 -10.52 -11.84
N46 DD1 C . -3.43 -12.71 -11.48
C47 DD1 C . -3.57 -14.01 -11.87
N56 DD1 C . -4.14 -14.87 -10.99
N48 DD1 C . -3.20 -14.47 -13.09
C37 DD1 C . -2.64 -13.65 -13.99
C36 DD1 C . -2.25 -14.10 -15.23
C35 DD1 C . -1.67 -13.21 -16.14
C34 DD1 C . -1.45 -11.85 -15.85
#